data_3AGM
#
_entry.id   3AGM
#
_cell.length_a   85.520
_cell.length_b   85.520
_cell.length_c   99.040
_cell.angle_alpha   90.00
_cell.angle_beta   90.00
_cell.angle_gamma   90.00
#
_symmetry.space_group_name_H-M   'P 43 21 2'
#
loop_
_entity.id
_entity.type
_entity.pdbx_description
1 polymer 'cAMP-dependent protein kinase catalytic subunit alpha'
2 polymer N~2~-{8-OXO-8-[4-(9H-PURIN-6-YL)PIPERAZIN-1-YL]OCTANOYL}-D-ARGINYL-D-ARGINYL-D-ARGINYL-D-ARGINYL-D-ARGINYL-D-ARGININAMIDE
3 water water
#
loop_
_entity_poly.entity_id
_entity_poly.type
_entity_poly.pdbx_seq_one_letter_code
_entity_poly.pdbx_strand_id
1 'polypeptide(L)'
;MGNAAAAKKGSEQESVKEFLAKAKEDFLKKWESPAQNTAHLDQFERIKTLGTGSFGRVMLVKHKETGNHYAMKILDKQKV
VKLKQIEHTLNEKRILQAVNFPFLVKLEFSFKDNSNLYMVMEYVPGGEMFSHLRRIGRFSEPHARFYAAQIVLTFEYLHS
LDLIYRDLKPENLLIDQQGYIQVTDFGFAKRVKGRTW(TPO)LCGTPEYLAPEIILSKGYNKAVDWWALGVLIYEMAAGY
PPFFADQPIQIYEKIVSGKVRFPSHFSSDLKDLLRNLLQVDLTKRFGNLKNGVNDIKNHKWFATTDWIAIYQRKVEAPFI
PKFKGPGDTSNFDDYEEEEIRV(SEP)INEKCGKEFSEF
;
A
2 'polypeptide(L)' (69P)(OCE)(DAR)(DAR)(DAR)(DAR)(DAR)(DAR)(NH2) B
#
loop_
_chem_comp.id
_chem_comp.type
_chem_comp.name
_chem_comp.formula
69P non-polymer 6-piperazin-1-yl-9H-purine 'C9 H12 N6'
NH2 non-polymer 'AMINO GROUP' 'H2 N'
OCE non-polymer 'octanedioic acid' 'C8 H14 O4'
#
# COMPACT_ATOMS: atom_id res chain seq x y z
N GLN A 13 18.80 -4.06 -17.81
CA GLN A 13 18.58 -2.62 -17.47
C GLN A 13 17.86 -1.88 -18.60
N GLU A 14 18.13 -2.27 -19.84
CA GLU A 14 17.43 -1.68 -20.97
C GLU A 14 15.97 -2.09 -21.06
N SER A 15 15.67 -3.33 -20.66
CA SER A 15 14.30 -3.82 -20.62
C SER A 15 13.47 -3.10 -19.55
N VAL A 16 14.13 -2.67 -18.47
CA VAL A 16 13.47 -1.90 -17.40
C VAL A 16 13.11 -0.50 -17.88
N LYS A 17 14.12 0.22 -18.38
CA LYS A 17 13.94 1.55 -18.94
C LYS A 17 12.83 1.59 -20.00
N GLU A 18 12.85 0.63 -20.92
CA GLU A 18 11.81 0.50 -21.96
C GLU A 18 10.44 0.18 -21.39
N PHE A 19 10.40 -0.70 -20.38
CA PHE A 19 9.14 -1.00 -19.68
C PHE A 19 8.56 0.24 -19.00
N LEU A 20 9.42 1.03 -18.34
CA LEU A 20 8.94 2.18 -17.56
C LEU A 20 8.44 3.31 -18.47
N ALA A 21 9.07 3.46 -19.63
CA ALA A 21 8.64 4.46 -20.62
C ALA A 21 7.24 4.13 -21.15
N LYS A 22 7.02 2.89 -21.57
CA LYS A 22 5.71 2.44 -22.02
C LYS A 22 4.68 2.64 -20.90
N ALA A 23 5.04 2.24 -19.69
CA ALA A 23 4.20 2.40 -18.50
C ALA A 23 3.82 3.87 -18.23
N LYS A 24 4.74 4.79 -18.47
CA LYS A 24 4.45 6.20 -18.27
C LYS A 24 3.41 6.69 -19.29
N GLU A 25 3.59 6.31 -20.55
CA GLU A 25 2.60 6.62 -21.60
C GLU A 25 1.21 6.08 -21.24
N ASP A 26 1.14 4.83 -20.81
CA ASP A 26 -0.11 4.22 -20.37
C ASP A 26 -0.75 4.99 -19.20
N PHE A 27 0.06 5.29 -18.20
CA PHE A 27 -0.39 6.03 -17.04
C PHE A 27 -0.95 7.41 -17.38
N LEU A 28 -0.18 8.17 -18.15
CA LEU A 28 -0.55 9.55 -18.48
C LEU A 28 -1.87 9.66 -19.28
N LYS A 29 -2.09 8.78 -20.24
CA LYS A 29 -3.37 8.72 -20.96
C LYS A 29 -4.54 8.62 -19.96
N LYS A 30 -4.48 7.62 -19.08
CA LYS A 30 -5.56 7.37 -18.12
C LYS A 30 -5.60 8.45 -17.02
N TRP A 31 -4.43 8.96 -16.64
CA TRP A 31 -4.37 10.06 -15.69
C TRP A 31 -5.10 11.30 -16.21
N GLU A 32 -4.94 11.58 -17.51
CA GLU A 32 -5.54 12.77 -18.12
C GLU A 32 -7.02 12.59 -18.45
N SER A 33 -7.44 11.36 -18.70
CA SER A 33 -8.84 11.09 -18.99
C SER A 33 -9.39 9.95 -18.12
N PRO A 34 -9.63 10.25 -16.83
CA PRO A 34 -9.97 9.23 -15.84
C PRO A 34 -11.31 8.54 -16.10
N ALA A 35 -11.33 7.23 -15.94
CA ALA A 35 -12.57 6.45 -15.98
C ALA A 35 -13.48 6.85 -14.82
N GLN A 36 -14.77 7.02 -15.11
CA GLN A 36 -15.78 7.39 -14.13
C GLN A 36 -17.04 6.57 -14.35
N ASN A 37 -17.76 6.27 -13.27
CA ASN A 37 -19.10 5.69 -13.36
C ASN A 37 -19.13 4.43 -14.25
N THR A 38 -18.34 3.42 -13.90
CA THR A 38 -18.21 2.20 -14.73
C THR A 38 -19.03 1.02 -14.22
N ALA A 39 -19.75 1.24 -13.12
CA ALA A 39 -20.69 0.26 -12.59
C ALA A 39 -21.75 0.96 -11.75
N HIS A 40 -22.67 0.19 -11.18
CA HIS A 40 -23.71 0.69 -10.28
C HIS A 40 -23.85 -0.33 -9.15
N LEU A 41 -24.26 0.13 -7.97
CA LEU A 41 -24.39 -0.73 -6.78
C LEU A 41 -25.28 -1.94 -7.00
N ASP A 42 -26.36 -1.76 -7.76
CA ASP A 42 -27.37 -2.79 -7.99
C ASP A 42 -26.82 -3.99 -8.76
N GLN A 43 -25.63 -3.84 -9.32
CA GLN A 43 -24.97 -4.90 -10.05
C GLN A 43 -24.28 -5.92 -9.12
N PHE A 44 -24.18 -5.57 -7.83
CA PHE A 44 -23.42 -6.36 -6.86
C PHE A 44 -24.25 -6.86 -5.71
N GLU A 45 -23.97 -8.09 -5.32
CA GLU A 45 -24.56 -8.71 -4.15
C GLU A 45 -23.56 -8.67 -2.99
N ARG A 46 -24.02 -8.20 -1.84
CA ARG A 46 -23.17 -8.14 -0.63
C ARG A 46 -22.95 -9.53 0.00
N ILE A 47 -21.70 -9.84 0.33
CA ILE A 47 -21.38 -11.13 0.95
C ILE A 47 -20.97 -10.97 2.40
N LYS A 48 -19.96 -10.13 2.66
CA LYS A 48 -19.50 -9.92 4.03
C LYS A 48 -18.66 -8.67 4.13
N THR A 49 -18.73 -8.01 5.29
CA THR A 49 -17.87 -6.86 5.54
C THR A 49 -16.48 -7.38 5.90
N LEU A 50 -15.46 -6.92 5.18
CA LEU A 50 -14.07 -7.35 5.38
C LEU A 50 -13.31 -6.41 6.33
N GLY A 51 -13.83 -5.22 6.55
CA GLY A 51 -13.12 -4.24 7.38
C GLY A 51 -13.81 -2.90 7.41
N THR A 52 -13.54 -2.14 8.48
CA THR A 52 -14.20 -0.86 8.73
C THR A 52 -13.16 0.15 9.20
N GLY A 53 -13.45 1.42 8.95
CA GLY A 53 -12.58 2.53 9.37
C GLY A 53 -13.43 3.72 9.78
N SER A 54 -12.81 4.90 9.80
CA SER A 54 -13.50 6.09 10.29
C SER A 54 -14.39 6.76 9.24
N PHE A 55 -14.11 6.54 7.96
CA PHE A 55 -14.97 7.10 6.92
C PHE A 55 -15.44 6.10 5.86
N GLY A 56 -15.33 4.82 6.15
CA GLY A 56 -15.78 3.81 5.19
C GLY A 56 -15.62 2.37 5.61
N ARG A 57 -15.79 1.47 4.65
CA ARG A 57 -15.74 0.03 4.88
C ARG A 57 -15.28 -0.64 3.61
N VAL A 58 -14.83 -1.89 3.73
CA VAL A 58 -14.57 -2.69 2.54
C VAL A 58 -15.40 -3.96 2.66
N MET A 59 -16.12 -4.29 1.60
CA MET A 59 -16.98 -5.45 1.66
C MET A 59 -16.65 -6.44 0.55
N LEU A 60 -16.77 -7.73 0.86
CA LEU A 60 -16.75 -8.76 -0.17
C LEU A 60 -18.11 -8.74 -0.84
N VAL A 61 -18.10 -8.64 -2.16
CA VAL A 61 -19.31 -8.62 -2.97
C VAL A 61 -19.18 -9.59 -4.16
N LYS A 62 -20.33 -9.99 -4.69
CA LYS A 62 -20.42 -10.81 -5.90
C LYS A 62 -21.17 -10.04 -7.00
N HIS A 63 -20.51 -9.88 -8.14
CA HIS A 63 -21.12 -9.28 -9.33
C HIS A 63 -22.22 -10.22 -9.78
N LYS A 64 -23.46 -9.74 -9.72
CA LYS A 64 -24.62 -10.60 -9.95
C LYS A 64 -24.59 -11.36 -11.27
N GLU A 65 -24.20 -10.69 -12.35
CA GLU A 65 -24.26 -11.28 -13.70
C GLU A 65 -23.17 -12.32 -13.97
N THR A 66 -21.94 -12.01 -13.56
CA THR A 66 -20.80 -12.87 -13.85
C THR A 66 -20.49 -13.88 -12.77
N GLY A 67 -20.94 -13.61 -11.54
CA GLY A 67 -20.60 -14.45 -10.38
C GLY A 67 -19.20 -14.18 -9.83
N ASN A 68 -18.47 -13.26 -10.44
CA ASN A 68 -17.13 -12.90 -9.96
C ASN A 68 -17.21 -12.13 -8.63
N HIS A 69 -16.33 -12.50 -7.70
CA HIS A 69 -16.20 -11.77 -6.41
C HIS A 69 -15.19 -10.65 -6.49
N TYR A 70 -15.48 -9.57 -5.77
CA TYR A 70 -14.64 -8.41 -5.71
C TYR A 70 -14.57 -7.88 -4.28
N ALA A 71 -13.56 -7.05 -4.01
CA ALA A 71 -13.55 -6.30 -2.76
C ALA A 71 -13.98 -4.86 -3.02
N MET A 72 -15.10 -4.45 -2.42
CA MET A 72 -15.66 -3.14 -2.67
C MET A 72 -15.39 -2.18 -1.50
N LYS A 73 -14.64 -1.12 -1.77
CA LYS A 73 -14.40 -0.07 -0.78
C LYS A 73 -15.52 0.96 -0.89
N ILE A 74 -16.25 1.18 0.20
CA ILE A 74 -17.36 2.13 0.20
C ILE A 74 -17.00 3.27 1.15
N LEU A 75 -16.92 4.50 0.65
CA LEU A 75 -16.60 5.65 1.50
C LEU A 75 -17.78 6.57 1.65
N ASP A 76 -18.06 6.96 2.89
CA ASP A 76 -19.16 7.89 3.22
C ASP A 76 -18.68 9.31 2.92
N LYS A 77 -19.28 9.95 1.91
CA LYS A 77 -18.88 11.29 1.46
C LYS A 77 -18.85 12.33 2.58
N GLN A 78 -19.89 12.32 3.41
CA GLN A 78 -19.99 13.28 4.51
C GLN A 78 -18.86 13.10 5.52
N LYS A 79 -18.49 11.84 5.76
CA LYS A 79 -17.43 11.53 6.70
C LYS A 79 -16.04 11.82 6.14
N VAL A 80 -15.89 11.67 4.82
CA VAL A 80 -14.64 12.01 4.13
C VAL A 80 -14.40 13.52 4.25
N VAL A 81 -15.46 14.30 4.06
CA VAL A 81 -15.37 15.76 4.15
C VAL A 81 -15.01 16.17 5.58
N LYS A 82 -15.66 15.53 6.56
CA LYS A 82 -15.48 15.90 7.96
C LYS A 82 -14.05 15.61 8.42
N LEU A 83 -13.50 14.46 8.01
CA LEU A 83 -12.14 14.06 8.37
C LEU A 83 -11.09 14.64 7.44
N LYS A 84 -11.53 15.58 6.59
CA LYS A 84 -10.66 16.32 5.66
C LYS A 84 -9.87 15.42 4.73
N GLN A 85 -10.54 14.41 4.20
CA GLN A 85 -9.89 13.47 3.29
C GLN A 85 -10.37 13.62 1.84
N ILE A 86 -10.89 14.79 1.48
CA ILE A 86 -11.41 15.01 0.12
C ILE A 86 -10.34 14.78 -0.96
N GLU A 87 -9.29 15.60 -0.95
CA GLU A 87 -8.23 15.49 -1.95
C GLU A 87 -7.58 14.11 -1.93
N HIS A 88 -7.40 13.56 -0.74
CA HIS A 88 -6.86 12.24 -0.58
C HIS A 88 -7.70 11.15 -1.26
N THR A 89 -9.01 11.24 -1.13
CA THR A 89 -9.89 10.25 -1.76
C THR A 89 -9.93 10.40 -3.28
N LEU A 90 -9.88 11.66 -3.73
CA LEU A 90 -9.76 11.97 -5.16
C LEU A 90 -8.44 11.47 -5.76
N ASN A 91 -7.33 11.63 -5.03
CA ASN A 91 -6.03 11.08 -5.42
C ASN A 91 -6.14 9.56 -5.55
N GLU A 92 -6.68 8.93 -4.51
CA GLU A 92 -6.70 7.48 -4.44
C GLU A 92 -7.32 6.89 -5.71
N LYS A 93 -8.52 7.36 -6.06
CA LYS A 93 -9.27 6.86 -7.21
C LYS A 93 -8.61 7.18 -8.55
N ARG A 94 -8.18 8.43 -8.73
CA ARG A 94 -7.50 8.83 -9.95
C ARG A 94 -6.21 8.03 -10.20
N ILE A 95 -5.43 7.80 -9.14
CA ILE A 95 -4.19 7.07 -9.25
C ILE A 95 -4.49 5.59 -9.53
N LEU A 96 -5.38 4.99 -8.73
CA LEU A 96 -5.73 3.58 -8.89
C LEU A 96 -6.28 3.22 -10.28
N GLN A 97 -7.09 4.09 -10.86
CA GLN A 97 -7.63 3.79 -12.19
C GLN A 97 -6.58 3.92 -13.31
N ALA A 98 -5.45 4.58 -13.01
CA ALA A 98 -4.46 4.89 -14.03
C ALA A 98 -3.22 4.00 -14.00
N VAL A 99 -3.02 3.27 -12.90
CA VAL A 99 -1.82 2.45 -12.70
C VAL A 99 -2.05 0.98 -13.12
N ASN A 100 -0.96 0.28 -13.44
CA ASN A 100 -1.00 -1.10 -13.89
C ASN A 100 0.35 -1.75 -13.55
N PHE A 101 0.35 -2.58 -12.51
CA PHE A 101 1.56 -3.27 -12.09
C PHE A 101 1.12 -4.52 -11.34
N PRO A 102 1.88 -5.62 -11.47
CA PRO A 102 1.48 -6.89 -10.85
C PRO A 102 1.21 -6.77 -9.34
N PHE A 103 2.00 -5.96 -8.64
CA PHE A 103 1.93 -5.96 -7.19
C PHE A 103 1.05 -4.88 -6.62
N LEU A 104 0.24 -4.27 -7.48
CA LEU A 104 -0.81 -3.34 -7.08
C LEU A 104 -2.19 -3.94 -7.35
N VAL A 105 -3.04 -3.96 -6.33
CA VAL A 105 -4.42 -4.44 -6.53
C VAL A 105 -5.12 -3.64 -7.60
N LYS A 106 -5.81 -4.36 -8.47
CA LYS A 106 -6.41 -3.76 -9.64
C LYS A 106 -7.77 -3.17 -9.28
N LEU A 107 -8.01 -1.92 -9.70
CA LEU A 107 -9.34 -1.33 -9.58
C LEU A 107 -10.11 -1.73 -10.83
N GLU A 108 -11.22 -2.43 -10.63
CA GLU A 108 -12.02 -2.92 -11.75
C GLU A 108 -13.15 -1.95 -12.14
N PHE A 109 -13.80 -1.35 -11.14
CA PHE A 109 -14.89 -0.41 -11.39
C PHE A 109 -14.88 0.71 -10.34
N SER A 110 -15.43 1.84 -10.70
CA SER A 110 -15.73 2.84 -9.69
C SER A 110 -16.99 3.59 -10.06
N PHE A 111 -17.62 4.17 -9.05
CA PHE A 111 -18.83 4.99 -9.22
C PHE A 111 -19.17 5.68 -7.91
N LYS A 112 -20.19 6.53 -7.94
CA LYS A 112 -20.69 7.17 -6.72
C LYS A 112 -22.22 7.22 -6.78
N ASP A 113 -22.84 7.40 -5.62
CA ASP A 113 -24.27 7.72 -5.55
C ASP A 113 -24.50 8.95 -4.68
N ASN A 114 -25.73 9.16 -4.24
CA ASN A 114 -26.03 10.29 -3.38
C ASN A 114 -25.17 10.36 -2.12
N SER A 115 -24.81 9.20 -1.57
CA SER A 115 -24.23 9.14 -0.23
C SER A 115 -22.77 8.76 -0.19
N ASN A 116 -22.36 7.83 -1.06
CA ASN A 116 -21.08 7.14 -0.97
C ASN A 116 -20.26 7.15 -2.25
N LEU A 117 -18.96 6.87 -2.09
CA LEU A 117 -18.05 6.63 -3.21
C LEU A 117 -17.66 5.16 -3.22
N TYR A 118 -17.46 4.60 -4.41
CA TYR A 118 -17.28 3.16 -4.52
C TYR A 118 -16.07 2.84 -5.40
N MET A 119 -15.23 1.92 -4.93
CA MET A 119 -14.10 1.45 -5.69
C MET A 119 -14.11 -0.07 -5.58
N VAL A 120 -14.34 -0.73 -6.71
CA VAL A 120 -14.47 -2.18 -6.72
C VAL A 120 -13.13 -2.72 -7.22
N MET A 121 -12.50 -3.54 -6.37
CA MET A 121 -11.14 -4.02 -6.62
C MET A 121 -11.10 -5.53 -6.67
N GLU A 122 -10.04 -6.07 -7.25
CA GLU A 122 -9.81 -7.52 -7.18
C GLU A 122 -9.77 -7.94 -5.69
N TYR A 123 -10.50 -9.02 -5.38
CA TYR A 123 -10.52 -9.59 -4.04
C TYR A 123 -9.31 -10.49 -3.80
N VAL A 124 -8.58 -10.22 -2.70
CA VAL A 124 -7.41 -11.00 -2.32
C VAL A 124 -7.72 -11.79 -1.03
N PRO A 125 -8.01 -13.10 -1.17
CA PRO A 125 -8.52 -13.80 0.01
C PRO A 125 -7.49 -14.16 1.07
N GLY A 126 -6.21 -14.03 0.76
CA GLY A 126 -5.15 -14.47 1.68
C GLY A 126 -4.98 -13.57 2.89
N GLY A 127 -5.58 -12.39 2.84
CA GLY A 127 -5.58 -11.47 3.98
C GLY A 127 -4.33 -10.61 4.01
N GLU A 128 -4.14 -9.90 5.12
CA GLU A 128 -3.08 -8.92 5.27
C GLU A 128 -1.80 -9.62 5.72
N MET A 129 -0.65 -9.14 5.23
CA MET A 129 0.65 -9.66 5.71
C MET A 129 0.75 -9.54 7.23
N PHE A 130 0.20 -8.47 7.80
CA PHE A 130 0.35 -8.21 9.24
C PHE A 130 -0.17 -9.39 10.06
N SER A 131 -1.34 -9.90 9.70
CA SER A 131 -1.91 -11.06 10.42
C SER A 131 -1.05 -12.31 10.31
N HIS A 132 -0.48 -12.55 9.13
CA HIS A 132 0.38 -13.71 8.92
C HIS A 132 1.69 -13.55 9.69
N LEU A 133 2.20 -12.32 9.76
CA LEU A 133 3.43 -12.04 10.49
C LEU A 133 3.26 -12.33 11.99
N ARG A 134 2.10 -11.95 12.53
CA ARG A 134 1.77 -12.17 13.94
C ARG A 134 1.61 -13.66 14.25
N ARG A 135 1.05 -14.40 13.31
CA ARG A 135 0.84 -15.83 13.51
C ARG A 135 2.17 -16.58 13.48
N ILE A 136 3.05 -16.18 12.57
CA ILE A 136 4.32 -16.86 12.37
C ILE A 136 5.40 -16.36 13.34
N GLY A 137 5.28 -15.11 13.77
CA GLY A 137 6.26 -14.50 14.67
C GLY A 137 7.22 -13.58 13.94
N ARG A 138 8.11 -14.18 13.15
CA ARG A 138 8.99 -13.42 12.25
C ARG A 138 9.33 -14.21 10.98
N PHE A 139 9.63 -13.51 9.90
CA PHE A 139 10.00 -14.16 8.66
C PHE A 139 11.51 -14.40 8.62
N SER A 140 11.92 -15.48 7.94
CA SER A 140 13.34 -15.73 7.68
C SER A 140 13.85 -14.65 6.74
N GLU A 141 15.17 -14.44 6.73
CA GLU A 141 15.76 -13.44 5.83
C GLU A 141 15.45 -13.71 4.35
N PRO A 142 15.53 -14.99 3.91
CA PRO A 142 15.07 -15.31 2.54
C PRO A 142 13.58 -14.99 2.31
N HIS A 143 12.76 -15.20 3.34
CA HIS A 143 11.31 -14.95 3.30
C HIS A 143 11.04 -13.45 3.17
N ALA A 144 11.66 -12.66 4.04
CA ALA A 144 11.52 -11.20 4.03
C ALA A 144 12.01 -10.60 2.72
N ARG A 145 13.12 -11.14 2.20
CA ARG A 145 13.73 -10.66 0.95
C ARG A 145 12.80 -10.83 -0.24
N PHE A 146 12.07 -11.94 -0.26
CA PHE A 146 11.06 -12.18 -1.29
C PHE A 146 10.03 -11.04 -1.31
N TYR A 147 9.45 -10.71 -0.16
CA TYR A 147 8.42 -9.65 -0.11
C TYR A 147 9.02 -8.29 -0.41
N ALA A 148 10.15 -7.97 0.22
CA ALA A 148 10.85 -6.72 0.02
C ALA A 148 11.14 -6.42 -1.44
N ALA A 149 11.63 -7.42 -2.17
CA ALA A 149 11.91 -7.29 -3.60
C ALA A 149 10.72 -6.78 -4.40
N GLN A 150 9.53 -7.32 -4.10
CA GLN A 150 8.30 -6.88 -4.76
C GLN A 150 7.98 -5.42 -4.44
N ILE A 151 8.20 -5.03 -3.20
CA ILE A 151 7.98 -3.63 -2.82
C ILE A 151 8.99 -2.73 -3.55
N VAL A 152 10.24 -3.17 -3.63
CA VAL A 152 11.26 -2.41 -4.36
C VAL A 152 10.85 -2.17 -5.81
N LEU A 153 10.36 -3.22 -6.49
CA LEU A 153 9.89 -3.06 -7.87
C LEU A 153 8.66 -2.13 -7.93
N THR A 154 7.76 -2.31 -6.98
CA THR A 154 6.53 -1.50 -6.93
C THR A 154 6.84 0.00 -6.78
N PHE A 155 7.78 0.33 -5.90
CA PHE A 155 8.20 1.72 -5.74
C PHE A 155 8.95 2.21 -6.95
N GLU A 156 9.75 1.34 -7.56
CA GLU A 156 10.48 1.74 -8.75
C GLU A 156 9.48 2.16 -9.80
N TYR A 157 8.39 1.40 -9.91
CA TYR A 157 7.31 1.72 -10.84
C TYR A 157 6.62 3.03 -10.43
N LEU A 158 6.12 3.07 -9.20
CA LEU A 158 5.36 4.24 -8.69
C LEU A 158 6.16 5.53 -8.81
N HIS A 159 7.38 5.54 -8.30
CA HIS A 159 8.23 6.74 -8.37
C HIS A 159 8.56 7.19 -9.79
N SER A 160 8.64 6.24 -10.73
CA SER A 160 8.93 6.59 -12.10
C SER A 160 7.81 7.44 -12.68
N LEU A 161 6.62 7.35 -12.07
CA LEU A 161 5.45 8.11 -12.51
C LEU A 161 5.21 9.32 -11.60
N ASP A 162 6.20 9.60 -10.75
CA ASP A 162 6.15 10.71 -9.78
C ASP A 162 5.11 10.49 -8.70
N LEU A 163 4.83 9.23 -8.40
CA LEU A 163 3.87 8.87 -7.37
C LEU A 163 4.60 8.44 -6.10
N ILE A 164 4.20 9.04 -4.99
CA ILE A 164 4.64 8.60 -3.68
C ILE A 164 3.48 7.85 -3.04
N TYR A 165 3.79 6.75 -2.37
CA TYR A 165 2.74 5.89 -1.83
C TYR A 165 2.32 6.28 -0.42
N ARG A 166 3.31 6.44 0.45
CA ARG A 166 3.13 6.98 1.82
C ARG A 166 2.29 6.14 2.80
N ASP A 167 1.80 4.97 2.41
CA ASP A 167 1.11 4.17 3.44
C ASP A 167 1.65 2.75 3.61
N LEU A 168 2.94 2.58 3.35
CA LEU A 168 3.57 1.28 3.52
C LEU A 168 3.55 0.76 4.96
N LYS A 169 3.02 -0.46 5.09
CA LYS A 169 3.05 -1.23 6.32
C LYS A 169 2.49 -2.60 5.98
N PRO A 170 2.79 -3.62 6.80
CA PRO A 170 2.31 -4.96 6.46
C PRO A 170 0.78 -5.07 6.37
N GLU A 171 0.06 -4.21 7.09
CA GLU A 171 -1.40 -4.19 7.04
C GLU A 171 -1.91 -3.90 5.65
N ASN A 172 -1.12 -3.20 4.84
CA ASN A 172 -1.58 -2.83 3.52
C ASN A 172 -1.09 -3.75 2.41
N LEU A 173 -0.48 -4.88 2.78
CA LEU A 173 0.10 -5.81 1.82
C LEU A 173 -0.67 -7.12 1.84
N LEU A 174 -1.52 -7.30 0.82
CA LEU A 174 -2.35 -8.49 0.74
C LEU A 174 -1.56 -9.61 0.06
N ILE A 175 -1.81 -10.85 0.47
CA ILE A 175 -1.10 -12.01 -0.08
C ILE A 175 -2.03 -12.77 -1.01
N ASP A 176 -1.73 -12.78 -2.30
CA ASP A 176 -2.57 -13.47 -3.29
C ASP A 176 -2.34 -15.00 -3.30
N GLN A 177 -3.09 -15.72 -4.12
CA GLN A 177 -3.06 -17.19 -4.12
C GLN A 177 -1.78 -17.74 -4.71
N GLN A 178 -0.97 -16.87 -5.29
CA GLN A 178 0.37 -17.26 -5.73
C GLN A 178 1.41 -16.96 -4.64
N GLY A 179 0.97 -16.35 -3.54
CA GLY A 179 1.86 -15.99 -2.45
C GLY A 179 2.61 -14.68 -2.71
N TYR A 180 2.17 -13.95 -3.73
CA TYR A 180 2.73 -12.63 -4.04
C TYR A 180 1.90 -11.51 -3.45
N ILE A 181 2.56 -10.35 -3.28
CA ILE A 181 1.95 -9.18 -2.66
C ILE A 181 1.03 -8.45 -3.62
N GLN A 182 -0.07 -7.96 -3.06
CA GLN A 182 -0.91 -6.98 -3.70
C GLN A 182 -1.12 -5.80 -2.76
N VAL A 183 -0.62 -4.63 -3.15
CA VAL A 183 -0.72 -3.42 -2.33
C VAL A 183 -2.13 -2.82 -2.44
N THR A 184 -2.74 -2.56 -1.29
CA THR A 184 -4.05 -1.93 -1.24
C THR A 184 -3.98 -0.63 -0.42
N ASP A 185 -5.03 0.18 -0.56
CA ASP A 185 -5.17 1.48 0.10
C ASP A 185 -4.23 2.54 -0.45
N PHE A 186 -4.75 3.29 -1.42
CA PHE A 186 -4.01 4.40 -2.00
C PHE A 186 -4.48 5.76 -1.49
N GLY A 187 -5.05 5.73 -0.29
CA GLY A 187 -5.56 6.96 0.33
C GLY A 187 -4.52 8.06 0.49
N PHE A 188 -3.27 7.69 0.73
CA PHE A 188 -2.20 8.68 0.87
C PHE A 188 -1.34 8.83 -0.38
N ALA A 189 -1.68 8.10 -1.45
CA ALA A 189 -0.88 8.16 -2.66
C ALA A 189 -1.06 9.52 -3.31
N LYS A 190 0.04 10.09 -3.78
CA LYS A 190 -0.03 11.40 -4.38
C LYS A 190 0.96 11.58 -5.52
N ARG A 191 0.51 12.23 -6.59
CA ARG A 191 1.43 12.61 -7.66
C ARG A 191 2.08 13.94 -7.36
N VAL A 192 3.38 13.91 -7.15
CA VAL A 192 4.12 15.14 -6.90
C VAL A 192 5.55 15.11 -7.44
N LYS A 193 5.91 16.23 -8.08
CA LYS A 193 7.25 16.50 -8.55
C LYS A 193 7.94 17.32 -7.47
N GLY A 194 8.91 16.72 -6.81
CA GLY A 194 9.63 17.39 -5.73
C GLY A 194 9.05 17.10 -4.36
N ARG A 195 8.59 18.15 -3.69
CA ARG A 195 8.25 18.04 -2.26
C ARG A 195 6.75 18.19 -1.97
N THR A 196 6.32 17.59 -0.86
CA THR A 196 4.94 17.73 -0.37
C THR A 196 4.98 17.82 1.16
N TRP A 197 3.86 18.17 1.79
CA TRP A 197 3.88 18.55 3.20
C TRP A 197 2.90 17.85 4.15
N TPO A 198 1.95 17.08 3.64
CA TPO A 198 0.93 16.48 4.50
CB TPO A 198 -0.27 15.84 3.75
CG2 TPO A 198 -1.49 15.63 4.63
OG1 TPO A 198 -0.70 16.68 2.67
P TPO A 198 -0.40 16.20 1.15
O1P TPO A 198 -0.84 17.38 0.33
O2P TPO A 198 1.09 15.96 1.12
O3P TPO A 198 -1.23 14.97 0.96
C TPO A 198 1.49 15.51 5.51
O TPO A 198 2.32 14.64 5.20
N LEU A 199 1.07 15.70 6.77
CA LEU A 199 1.42 14.76 7.83
C LEU A 199 0.44 13.61 7.76
N CYS A 200 0.93 12.47 7.25
CA CYS A 200 0.08 11.31 7.06
C CYS A 200 0.96 10.07 7.05
N GLY A 201 0.34 8.94 7.39
CA GLY A 201 0.99 7.64 7.44
C GLY A 201 0.72 6.97 8.77
N THR A 202 1.60 6.06 9.17
CA THR A 202 1.49 5.34 10.43
C THR A 202 2.73 5.67 11.26
N PRO A 203 2.54 6.10 12.53
CA PRO A 203 3.63 6.57 13.38
C PRO A 203 4.89 5.69 13.30
N GLU A 204 4.74 4.36 13.42
CA GLU A 204 5.89 3.45 13.33
C GLU A 204 6.69 3.52 12.02
N TYR A 205 6.01 3.90 10.94
CA TYR A 205 6.60 3.94 9.59
C TYR A 205 7.02 5.31 9.07
N LEU A 206 6.75 6.37 9.84
CA LEU A 206 7.07 7.73 9.39
C LEU A 206 8.57 7.98 9.34
N ALA A 207 9.01 8.52 8.20
CA ALA A 207 10.37 9.08 8.04
C ALA A 207 10.59 10.33 8.90
N PRO A 208 11.83 10.57 9.35
CA PRO A 208 12.16 11.73 10.19
C PRO A 208 11.67 13.03 9.57
N GLU A 209 11.87 13.19 8.25
CA GLU A 209 11.52 14.43 7.56
C GLU A 209 10.02 14.75 7.54
N ILE A 210 9.18 13.73 7.70
CA ILE A 210 7.72 13.94 7.81
C ILE A 210 7.43 14.52 9.20
N ILE A 211 8.00 13.89 10.23
CA ILE A 211 7.86 14.34 11.61
C ILE A 211 8.40 15.78 11.76
N LEU A 212 9.59 16.02 11.21
CA LEU A 212 10.26 17.33 11.24
C LEU A 212 9.44 18.43 10.57
N SER A 213 8.56 18.04 9.64
CA SER A 213 7.49 18.92 9.15
C SER A 213 7.98 20.03 8.22
N LYS A 214 9.15 19.83 7.62
CA LYS A 214 9.76 20.83 6.73
C LYS A 214 9.46 20.52 5.26
N GLY A 215 8.66 19.48 5.04
CA GLY A 215 8.37 18.98 3.69
C GLY A 215 9.27 17.81 3.37
N TYR A 216 8.91 17.03 2.35
CA TYR A 216 9.60 15.78 2.06
C TYR A 216 9.29 15.27 0.65
N ASN A 217 10.03 14.25 0.21
CA ASN A 217 9.81 13.62 -1.10
C ASN A 217 9.69 12.10 -1.08
N LYS A 218 9.79 11.48 -2.25
CA LYS A 218 9.60 10.04 -2.39
C LYS A 218 10.56 9.22 -1.53
N ALA A 219 11.65 9.85 -1.06
CA ALA A 219 12.57 9.18 -0.14
C ALA A 219 11.88 8.65 1.12
N VAL A 220 10.66 9.12 1.43
CA VAL A 220 9.95 8.62 2.60
C VAL A 220 9.49 7.16 2.40
N ASP A 221 9.28 6.77 1.14
CA ASP A 221 8.90 5.41 0.82
C ASP A 221 10.04 4.45 1.07
N TRP A 222 11.27 4.86 0.76
CA TRP A 222 12.44 4.01 0.98
C TRP A 222 12.73 3.82 2.46
N TRP A 223 12.64 4.90 3.23
CA TRP A 223 12.66 4.78 4.67
C TRP A 223 11.65 3.75 5.16
N ALA A 224 10.40 3.89 4.72
CA ALA A 224 9.34 2.95 5.14
C ALA A 224 9.68 1.51 4.74
N LEU A 225 10.30 1.34 3.57
CA LEU A 225 10.80 0.01 3.21
C LEU A 225 11.76 -0.57 4.25
N GLY A 226 12.69 0.27 4.71
CA GLY A 226 13.60 -0.11 5.80
C GLY A 226 12.82 -0.58 7.03
N VAL A 227 11.76 0.14 7.39
CA VAL A 227 10.91 -0.25 8.52
C VAL A 227 10.24 -1.62 8.26
N LEU A 228 9.70 -1.78 7.07
CA LEU A 228 8.98 -3.01 6.68
C LEU A 228 9.87 -4.23 6.76
N ILE A 229 11.05 -4.12 6.17
CA ILE A 229 12.04 -5.18 6.17
C ILE A 229 12.45 -5.54 7.60
N TYR A 230 12.81 -4.54 8.41
CA TYR A 230 13.07 -4.77 9.84
C TYR A 230 11.91 -5.51 10.51
N GLU A 231 10.71 -4.95 10.39
CA GLU A 231 9.54 -5.59 11.02
C GLU A 231 9.37 -7.05 10.58
N MET A 232 9.47 -7.30 9.28
CA MET A 232 9.37 -8.66 8.77
C MET A 232 10.38 -9.63 9.40
N ALA A 233 11.65 -9.23 9.46
CA ALA A 233 12.71 -10.12 9.94
C ALA A 233 12.80 -10.22 11.47
N ALA A 234 12.52 -9.11 12.15
CA ALA A 234 12.55 -9.08 13.61
C ALA A 234 11.25 -9.55 14.25
N GLY A 235 10.13 -9.36 13.55
CA GLY A 235 8.81 -9.68 14.12
C GLY A 235 8.18 -8.50 14.84
N TYR A 236 8.91 -7.38 14.88
CA TYR A 236 8.47 -6.16 15.53
C TYR A 236 9.18 -4.98 14.88
N PRO A 237 8.59 -3.77 14.95
CA PRO A 237 9.19 -2.65 14.23
C PRO A 237 10.40 -2.07 14.97
N PRO A 238 11.29 -1.36 14.24
CA PRO A 238 12.54 -0.86 14.83
C PRO A 238 12.36 0.24 15.87
N PHE A 239 11.33 1.06 15.70
CA PHE A 239 11.03 2.16 16.61
C PHE A 239 9.65 1.96 17.22
N PHE A 240 9.62 1.47 18.45
CA PHE A 240 8.37 1.19 19.13
C PHE A 240 8.37 1.84 20.51
N ALA A 241 7.21 2.34 20.91
CA ALA A 241 7.05 2.96 22.21
C ALA A 241 5.57 3.03 22.57
N ASP A 242 5.31 3.34 23.84
CA ASP A 242 3.97 3.48 24.39
C ASP A 242 3.11 4.49 23.61
N GLN A 243 3.71 5.64 23.28
CA GLN A 243 2.98 6.77 22.68
C GLN A 243 3.71 7.31 21.46
N PRO A 244 2.96 7.80 20.45
CA PRO A 244 3.54 8.32 19.21
C PRO A 244 4.71 9.27 19.43
N ILE A 245 4.57 10.17 20.40
CA ILE A 245 5.60 11.14 20.69
C ILE A 245 6.94 10.45 20.99
N GLN A 246 6.91 9.40 21.82
CA GLN A 246 8.07 8.57 22.11
C GLN A 246 8.56 7.76 20.90
N ILE A 247 7.64 7.34 20.03
CA ILE A 247 8.05 6.69 18.77
C ILE A 247 8.79 7.68 17.87
N TYR A 248 8.26 8.90 17.77
CA TYR A 248 8.90 9.94 16.95
C TYR A 248 10.30 10.30 17.45
N GLU A 249 10.49 10.28 18.77
CA GLU A 249 11.80 10.53 19.36
C GLU A 249 12.86 9.54 18.90
N LYS A 250 12.50 8.27 18.95
CA LYS A 250 13.34 7.17 18.49
C LYS A 250 13.67 7.28 17.00
N ILE A 251 12.67 7.65 16.20
CA ILE A 251 12.84 7.80 14.75
C ILE A 251 13.87 8.88 14.40
N VAL A 252 13.72 10.07 14.99
CA VAL A 252 14.62 11.18 14.63
C VAL A 252 15.98 11.11 15.33
N SER A 253 16.13 10.17 16.27
CA SER A 253 17.35 10.05 17.06
C SER A 253 18.60 9.73 16.22
N GLY A 254 18.41 8.87 15.22
CA GLY A 254 19.53 8.37 14.41
C GLY A 254 20.09 7.07 14.96
N LYS A 255 19.27 6.39 15.77
CA LYS A 255 19.68 5.19 16.50
C LYS A 255 18.75 4.02 16.23
N VAL A 256 19.33 2.89 15.85
CA VAL A 256 18.57 1.64 15.66
C VAL A 256 19.33 0.50 16.32
N ARG A 257 18.59 -0.40 16.95
CA ARG A 257 19.17 -1.59 17.57
C ARG A 257 18.72 -2.81 16.78
N PHE A 258 19.68 -3.57 16.26
CA PHE A 258 19.39 -4.70 15.39
C PHE A 258 19.53 -6.01 16.16
N PRO A 259 18.58 -6.96 15.96
CA PRO A 259 18.68 -8.29 16.55
C PRO A 259 19.97 -9.02 16.16
N SER A 260 20.44 -9.91 17.04
CA SER A 260 21.71 -10.62 16.86
C SER A 260 21.72 -11.51 15.60
N HIS A 261 20.55 -12.07 15.27
CA HIS A 261 20.40 -13.00 14.15
C HIS A 261 20.38 -12.30 12.77
N PHE A 262 20.32 -10.98 12.75
CA PHE A 262 20.36 -10.18 11.52
C PHE A 262 21.74 -10.33 10.86
N SER A 263 21.75 -10.66 9.56
CA SER A 263 23.00 -10.80 8.82
C SER A 263 23.71 -9.44 8.76
N SER A 264 25.01 -9.47 8.51
CA SER A 264 25.77 -8.23 8.36
C SER A 264 25.22 -7.42 7.18
N ASP A 265 24.90 -8.10 6.09
CA ASP A 265 24.37 -7.45 4.90
C ASP A 265 23.03 -6.78 5.15
N LEU A 266 22.14 -7.48 5.85
CA LEU A 266 20.83 -6.92 6.20
C LEU A 266 20.97 -5.63 7.01
N LYS A 267 21.87 -5.64 8.00
CA LYS A 267 22.10 -4.48 8.86
C LYS A 267 22.63 -3.30 8.04
N ASP A 268 23.60 -3.57 7.16
CA ASP A 268 24.11 -2.54 6.25
C ASP A 268 23.00 -1.94 5.39
N LEU A 269 22.13 -2.78 4.84
CA LEU A 269 21.04 -2.28 4.02
C LEU A 269 20.09 -1.41 4.84
N LEU A 270 19.76 -1.87 6.04
CA LEU A 270 18.85 -1.14 6.90
C LEU A 270 19.48 0.14 7.43
N ARG A 271 20.80 0.14 7.64
CA ARG A 271 21.50 1.36 8.03
C ARG A 271 21.40 2.38 6.90
N ASN A 272 21.39 1.90 5.66
CA ASN A 272 21.33 2.77 4.49
C ASN A 272 19.92 3.19 4.09
N LEU A 273 18.94 2.37 4.47
CA LEU A 273 17.54 2.73 4.27
C LEU A 273 16.99 3.55 5.42
N LEU A 274 17.28 3.13 6.65
CA LEU A 274 16.88 3.87 7.85
C LEU A 274 17.89 4.98 8.16
N GLN A 275 18.25 5.72 7.11
CA GLN A 275 19.21 6.80 7.16
C GLN A 275 18.46 8.12 7.36
N VAL A 276 18.76 8.80 8.47
CA VAL A 276 17.99 9.95 8.95
C VAL A 276 18.04 11.19 8.03
N ASP A 277 19.20 11.42 7.43
CA ASP A 277 19.40 12.53 6.50
C ASP A 277 19.09 12.10 5.06
N LEU A 278 17.99 12.65 4.54
CA LEU A 278 17.40 12.22 3.27
C LEU A 278 18.34 12.32 2.06
N THR A 279 19.51 12.92 2.23
CA THR A 279 20.50 13.10 1.15
C THR A 279 21.58 12.00 1.11
N LYS A 280 21.63 11.16 2.15
CA LYS A 280 22.49 9.97 2.15
C LYS A 280 21.64 8.67 2.11
N ARG A 281 20.32 8.79 2.06
CA ARG A 281 19.44 7.61 2.13
C ARG A 281 19.41 6.87 0.80
N PHE A 282 19.65 5.55 0.86
CA PHE A 282 19.53 4.68 -0.31
C PHE A 282 18.16 4.80 -0.99
N GLY A 283 18.19 4.94 -2.32
CA GLY A 283 17.00 5.27 -3.12
C GLY A 283 16.78 6.75 -3.40
N ASN A 284 17.52 7.63 -2.72
CA ASN A 284 17.41 9.08 -2.96
C ASN A 284 18.72 9.68 -3.45
N LEU A 285 19.71 8.83 -3.69
CA LEU A 285 20.98 9.26 -4.25
C LEU A 285 20.82 9.36 -5.76
N LYS A 286 21.74 10.07 -6.40
CA LYS A 286 21.81 10.17 -7.83
C LYS A 286 21.49 8.85 -8.54
N ASN A 287 21.89 7.73 -7.92
CA ASN A 287 21.79 6.40 -8.51
C ASN A 287 20.47 5.68 -8.18
N GLY A 288 19.64 6.36 -7.39
CA GLY A 288 18.26 5.93 -7.14
C GLY A 288 18.10 4.52 -6.62
N VAL A 289 17.13 3.81 -7.20
CA VAL A 289 16.74 2.46 -6.78
C VAL A 289 17.84 1.41 -6.98
N ASN A 290 18.77 1.69 -7.89
CA ASN A 290 19.85 0.74 -8.15
C ASN A 290 20.74 0.53 -6.92
N ASP A 291 20.89 1.57 -6.11
CA ASP A 291 21.64 1.45 -4.85
C ASP A 291 21.05 0.35 -3.97
N ILE A 292 19.73 0.18 -4.06
CA ILE A 292 19.03 -0.87 -3.32
C ILE A 292 19.09 -2.19 -4.06
N LYS A 293 18.69 -2.16 -5.34
CA LYS A 293 18.64 -3.35 -6.18
C LYS A 293 19.99 -4.05 -6.33
N ASN A 294 21.07 -3.26 -6.30
CA ASN A 294 22.42 -3.80 -6.39
C ASN A 294 23.07 -4.05 -5.04
N HIS A 295 22.34 -3.83 -3.95
CA HIS A 295 22.88 -4.10 -2.61
C HIS A 295 23.10 -5.59 -2.39
N LYS A 296 24.14 -5.90 -1.62
CA LYS A 296 24.58 -7.26 -1.32
C LYS A 296 23.46 -8.16 -0.75
N TRP A 297 22.61 -7.59 0.10
CA TRP A 297 21.49 -8.34 0.65
C TRP A 297 20.55 -8.89 -0.44
N PHE A 298 20.52 -8.22 -1.59
CA PHE A 298 19.71 -8.65 -2.73
C PHE A 298 20.51 -9.36 -3.85
N ALA A 299 21.74 -9.75 -3.56
CA ALA A 299 22.59 -10.37 -4.61
C ALA A 299 21.96 -11.64 -5.18
N THR A 300 21.28 -12.39 -4.32
CA THR A 300 20.56 -13.62 -4.67
C THR A 300 19.24 -13.39 -5.42
N THR A 301 18.72 -12.16 -5.37
CA THR A 301 17.40 -11.88 -5.96
C THR A 301 17.44 -11.75 -7.48
N ASP A 302 16.59 -12.53 -8.14
CA ASP A 302 16.40 -12.44 -9.59
C ASP A 302 15.21 -11.52 -9.86
N TRP A 303 15.51 -10.24 -10.08
CA TRP A 303 14.49 -9.19 -10.19
C TRP A 303 13.45 -9.41 -11.30
N ILE A 304 13.88 -9.96 -12.44
CA ILE A 304 12.96 -10.25 -13.55
C ILE A 304 12.01 -11.38 -13.18
N ALA A 305 12.56 -12.45 -12.60
CA ALA A 305 11.78 -13.60 -12.16
C ALA A 305 10.72 -13.18 -11.13
N ILE A 306 11.09 -12.27 -10.23
CA ILE A 306 10.15 -11.73 -9.25
C ILE A 306 8.99 -11.00 -9.94
N TYR A 307 9.31 -10.08 -10.85
CA TYR A 307 8.30 -9.36 -11.62
C TYR A 307 7.34 -10.32 -12.30
N GLN A 308 7.88 -11.41 -12.83
CA GLN A 308 7.08 -12.39 -13.55
C GLN A 308 6.30 -13.34 -12.62
N ARG A 309 6.60 -13.32 -11.33
CA ARG A 309 6.05 -14.30 -10.38
C ARG A 309 6.51 -15.74 -10.67
N LYS A 310 7.75 -15.90 -11.12
CA LYS A 310 8.29 -17.22 -11.37
C LYS A 310 9.06 -17.77 -10.17
N VAL A 311 9.33 -16.90 -9.17
CA VAL A 311 10.01 -17.36 -7.96
C VAL A 311 9.02 -18.03 -7.01
N GLU A 312 9.41 -19.18 -6.48
CA GLU A 312 8.57 -19.93 -5.55
C GLU A 312 8.31 -19.10 -4.31
N ALA A 313 7.03 -18.90 -4.00
CA ALA A 313 6.66 -18.16 -2.81
C ALA A 313 6.93 -19.00 -1.56
N PRO A 314 7.27 -18.33 -0.44
CA PRO A 314 7.53 -19.04 0.82
C PRO A 314 6.28 -19.63 1.44
N PHE A 315 5.11 -19.08 1.09
CA PHE A 315 3.86 -19.41 1.74
C PHE A 315 2.69 -19.14 0.80
N ILE A 316 1.83 -20.14 0.61
CA ILE A 316 0.60 -19.97 -0.15
C ILE A 316 -0.56 -20.02 0.83
N PRO A 317 -1.37 -18.94 0.90
CA PRO A 317 -2.54 -18.97 1.76
C PRO A 317 -3.45 -20.13 1.37
N LYS A 318 -3.94 -20.85 2.39
CA LYS A 318 -4.90 -21.91 2.15
C LYS A 318 -6.14 -21.32 1.47
N PHE A 319 -6.50 -21.87 0.32
CA PHE A 319 -7.74 -21.45 -0.33
C PHE A 319 -8.86 -22.27 0.26
N LYS A 320 -9.95 -21.58 0.61
CA LYS A 320 -11.10 -22.22 1.23
C LYS A 320 -12.35 -21.99 0.40
N GLY A 321 -12.15 -21.59 -0.85
CA GLY A 321 -13.26 -21.36 -1.75
C GLY A 321 -13.54 -19.90 -2.01
N PRO A 322 -14.38 -19.62 -3.03
CA PRO A 322 -14.87 -18.29 -3.35
C PRO A 322 -15.70 -17.73 -2.20
N GLY A 323 -15.50 -16.46 -1.89
CA GLY A 323 -16.26 -15.83 -0.83
C GLY A 323 -15.95 -16.26 0.59
N ASP A 324 -14.98 -17.16 0.76
CA ASP A 324 -14.48 -17.46 2.10
C ASP A 324 -13.69 -16.26 2.59
N THR A 325 -13.83 -15.93 3.89
CA THR A 325 -13.20 -14.72 4.47
C THR A 325 -12.43 -14.99 5.77
N SER A 326 -12.07 -16.25 6.00
CA SER A 326 -11.40 -16.65 7.24
C SER A 326 -10.08 -15.92 7.55
N ASN A 327 -9.47 -15.30 6.54
CA ASN A 327 -8.23 -14.53 6.76
C ASN A 327 -8.49 -13.07 7.16
N PHE A 328 -9.75 -12.76 7.43
CA PHE A 328 -10.14 -11.43 7.86
C PHE A 328 -10.88 -11.52 9.17
N ASP A 329 -10.83 -10.44 9.94
CA ASP A 329 -11.56 -10.34 11.21
C ASP A 329 -13.06 -10.24 10.97
N ASP A 330 -13.82 -10.45 12.03
CA ASP A 330 -15.27 -10.36 11.99
C ASP A 330 -15.73 -8.94 12.25
N TYR A 331 -16.85 -8.59 11.65
CA TYR A 331 -17.43 -7.25 11.73
C TYR A 331 -18.93 -7.38 11.64
N GLU A 332 -19.64 -6.60 12.46
CA GLU A 332 -21.09 -6.67 12.39
C GLU A 332 -21.52 -6.03 11.08
N GLU A 333 -22.54 -6.61 10.45
CA GLU A 333 -23.01 -6.08 9.19
C GLU A 333 -23.90 -4.87 9.46
N GLU A 334 -23.47 -3.70 8.99
CA GLU A 334 -24.26 -2.49 9.11
C GLU A 334 -24.83 -2.14 7.75
N GLU A 335 -25.90 -1.36 7.76
CA GLU A 335 -26.57 -0.94 6.51
C GLU A 335 -25.65 -0.12 5.62
N ILE A 336 -25.91 -0.19 4.31
CA ILE A 336 -25.32 0.74 3.34
C ILE A 336 -26.39 1.80 3.07
N ARG A 337 -26.30 2.91 3.80
CA ARG A 337 -27.28 3.98 3.72
C ARG A 337 -27.13 4.76 2.42
N VAL A 338 -28.20 4.82 1.63
CA VAL A 338 -28.23 5.65 0.43
C VAL A 338 -29.35 6.69 0.60
N SEP A 339 -28.95 7.94 0.71
CA SEP A 339 -29.89 9.05 0.91
CB SEP A 339 -29.12 10.27 1.42
OG SEP A 339 -29.90 11.45 1.42
C SEP A 339 -30.64 9.36 -0.38
O SEP A 339 -30.17 9.03 -1.48
P SEP A 339 -30.86 11.59 2.71
O1P SEP A 339 -30.16 11.12 4.07
O2P SEP A 339 -31.23 13.14 2.85
O3P SEP A 339 -32.16 10.67 2.49
N ILE A 340 -31.80 9.98 -0.22
CA ILE A 340 -32.60 10.42 -1.37
C ILE A 340 -32.04 11.73 -1.94
N ASN A 341 -31.31 12.46 -1.09
CA ASN A 341 -30.65 13.72 -1.46
C ASN A 341 -29.17 13.51 -1.73
N GLU A 342 -28.65 14.13 -2.80
CA GLU A 342 -27.23 14.05 -3.10
C GLU A 342 -26.43 14.80 -2.04
N LYS A 343 -25.37 14.17 -1.55
CA LYS A 343 -24.48 14.79 -0.58
C LYS A 343 -23.15 15.14 -1.22
N CYS A 344 -22.60 16.30 -0.84
CA CYS A 344 -21.23 16.69 -1.19
C CYS A 344 -20.95 16.59 -2.68
N GLY A 345 -21.91 17.04 -3.48
CA GLY A 345 -21.83 16.91 -4.93
C GLY A 345 -20.61 17.60 -5.53
N LYS A 346 -20.38 18.83 -5.10
CA LYS A 346 -19.30 19.68 -5.61
C LYS A 346 -17.92 19.10 -5.29
N GLU A 347 -17.75 18.67 -4.06
CA GLU A 347 -16.47 18.23 -3.55
C GLU A 347 -16.00 16.99 -4.32
N PHE A 348 -16.94 16.15 -4.70
CA PHE A 348 -16.61 14.88 -5.36
C PHE A 348 -17.02 14.82 -6.84
N SER A 349 -17.14 15.98 -7.47
CA SER A 349 -17.53 16.07 -8.87
C SER A 349 -16.58 15.34 -9.85
N GLU A 350 -15.28 15.29 -9.53
CA GLU A 350 -14.30 14.61 -10.36
C GLU A 350 -14.29 13.08 -10.22
N PHE A 351 -14.84 12.56 -9.12
CA PHE A 351 -14.86 11.12 -8.82
C PHE A 351 -15.74 10.37 -9.84
N1 69P B 1 -9.20 -7.26 1.30
C2 69P B 1 -9.31 -8.17 0.32
N3 69P B 1 -9.16 -7.83 -0.95
C4 69P B 1 -8.91 -6.56 -1.29
C5 69P B 1 -8.79 -5.58 -0.30
C6 69P B 1 -8.94 -5.96 1.03
N6 69P B 1 -8.87 -5.07 2.13
N7 69P B 1 -8.53 -4.43 -0.94
C8 69P B 1 -8.50 -4.66 -2.25
N9 69P B 1 -8.73 -5.98 -2.46
CBV 69P B 1 -8.50 -4.79 4.63
CBW 69P B 1 -8.31 -2.79 3.08
CBX 69P B 1 -9.10 -5.65 3.50
CBY 69P B 1 -8.82 -3.58 1.88
NDM 69P B 1 -8.83 -3.38 4.33
O OCE B 2 -11.77 4.81 7.16
O2 OCE B 2 -10.06 -3.23 6.17
CAX OCE B 2 -11.19 1.64 5.24
CAY OCE B 2 -11.97 0.34 5.37
CAZ OCE B 2 -12.12 2.85 5.06
CBA OCE B 2 -11.07 -0.79 5.90
CBN OCE B 2 -11.25 4.11 4.93
CBO OCE B 2 -10.03 -1.23 4.85
C OCE B 2 -10.89 4.68 6.30
C2 OCE B 2 -9.64 -2.68 5.14
N DAR B 3 -9.61 4.98 6.51
CA DAR B 3 -9.16 5.56 7.80
CB DAR B 3 -7.74 6.16 7.66
CG DAR B 3 -6.80 5.77 8.81
CD DAR B 3 -5.41 6.38 8.66
NE DAR B 3 -5.01 6.02 7.31
CZ DAR B 3 -3.93 5.32 7.00
NH1 DAR B 3 -2.98 4.93 7.86
NH2 DAR B 3 -3.79 5.07 5.72
C DAR B 3 -9.25 4.52 8.92
O DAR B 3 -9.17 3.31 8.68
N DAR B 4 -9.49 5.02 10.13
CA DAR B 4 -9.57 4.22 11.36
CB DAR B 4 -9.85 5.18 12.52
CG DAR B 4 -9.41 4.67 13.89
CD DAR B 4 -9.60 5.76 14.96
NE DAR B 4 -8.76 6.94 14.64
CZ DAR B 4 -8.17 7.68 15.58
NH1 DAR B 4 -8.30 7.39 16.89
NH2 DAR B 4 -7.43 8.72 15.20
C DAR B 4 -8.23 3.49 11.54
O DAR B 4 -7.16 4.08 11.43
N DAR B 5 -8.33 2.19 11.78
CA DAR B 5 -7.15 1.33 11.90
CB DAR B 5 -7.55 -0.11 11.54
CG DAR B 5 -6.33 -1.06 11.45
CD DAR B 5 -5.41 -0.70 10.27
NE DAR B 5 -5.42 -1.77 9.26
CZ DAR B 5 -6.07 -1.63 8.09
NH1 DAR B 5 -6.77 -0.54 7.77
NH2 DAR B 5 -6.00 -2.63 7.21
C DAR B 5 -6.49 1.39 13.30
O DAR B 5 -7.08 1.03 14.32
N DAR B 6 -5.24 1.84 13.28
CA DAR B 6 -4.38 1.83 14.48
CB DAR B 6 -3.17 2.74 14.26
CG DAR B 6 -2.05 2.56 15.30
CD DAR B 6 -0.85 3.47 14.99
NE DAR B 6 0.29 3.13 15.86
CZ DAR B 6 0.43 3.71 17.06
NH1 DAR B 6 -0.45 4.61 17.49
NH2 DAR B 6 1.48 3.40 17.83
C DAR B 6 -3.98 0.34 14.59
O DAR B 6 -3.39 -0.24 13.67
N DAR B 7 -4.44 -0.30 15.66
CA DAR B 7 -4.21 -1.75 15.88
CB DAR B 7 -5.37 -2.37 16.66
CG DAR B 7 -6.67 -2.03 15.94
CD DAR B 7 -7.23 -3.24 15.18
NE DAR B 7 -8.63 -2.95 14.82
CZ DAR B 7 -9.60 -2.80 15.74
NH1 DAR B 7 -9.38 -2.96 17.05
NH2 DAR B 7 -10.83 -2.52 15.32
C DAR B 7 -2.92 -1.93 16.64
O DAR B 7 -2.79 -1.60 17.82
N DAR B 8 -1.95 -2.47 15.89
CA DAR B 8 -0.62 -2.73 16.43
CB DAR B 8 0.45 -2.43 15.37
CG DAR B 8 0.26 -1.02 14.77
CD DAR B 8 1.49 -0.56 13.96
NE DAR B 8 1.66 -1.39 12.76
CZ DAR B 8 2.77 -2.09 12.54
NH1 DAR B 8 2.85 -2.83 11.44
NH2 DAR B 8 3.79 -2.09 13.43
C DAR B 8 -0.62 -4.19 16.87
O DAR B 8 0.39 -4.70 17.32
N NH2 B 9 -1.78 -4.84 16.73
#